data_7AW4
#
_entry.id   7AW4
#
_cell.length_a   50.568
_cell.length_b   90.490
_cell.length_c   69.415
_cell.angle_alpha   90.000
_cell.angle_beta   99.370
_cell.angle_gamma   90.000
#
_symmetry.space_group_name_H-M   'P 1 21 1'
#
loop_
_entity.id
_entity.type
_entity.pdbx_description
1 polymer 'Tyrosine-protein kinase Mer'
2 non-polymer 3-methyl-5-(4-methyl-1,2,3-thiadiazol-5-yl)-N-((R)-1-(((R)-3-(methylamino)-3-oxo-1-(4-(trifluoromethyl)phenyl)propyl)amino)-1-oxo-4-phenylbutan-2-yl)isoxazole-4-carboxamide
3 non-polymer 'CHLORIDE ION'
4 non-polymer 1,2-ETHANEDIOL
5 water water
#
_entity_poly.entity_id   1
_entity_poly.type   'polypeptide(L)'
_entity_poly.pdbx_seq_one_letter_code
;MGSSHHHHHHSSGLVPRGSEELQNKLEDVVIDRNLLILGKILGEGEFGSVMEGNLKQEDGTSLKVAVKTMKLDNSSQREI
EEFLSEAACMKDFSHPNVIRLLGVCIEMSSQGIPKPMVILPFMKYGDLHTYLLYSRLETGPKHIPLQTLLKFMVDIALGM
EYLSNRNFLHRDLAARNCMLRDDMTVCVADFGLSKKIYSGDYYRQGRIAKMPVKWIAIESLADRVYTSKSDVWAFGVTMW
EIATRGMTPYPGVQNHEMYDYLLHGHRLKQPEDCLDELYEIMYSCWRTDPLDRPTFSVLRLQLEKLLESLPDV
;
_entity_poly.pdbx_strand_id   A,B
#
# COMPACT_ATOMS: atom_id res chain seq x y z
N LYS A 25 -6.75 12.05 -39.67
CA LYS A 25 -6.63 11.71 -38.25
C LYS A 25 -5.59 10.61 -38.03
N LEU A 26 -5.63 9.55 -38.86
CA LEU A 26 -4.71 8.43 -38.79
C LEU A 26 -3.29 8.87 -39.20
N GLU A 27 -3.15 9.54 -40.36
CA GLU A 27 -1.88 10.01 -40.95
C GLU A 27 -1.04 10.95 -40.05
N ASP A 28 -1.69 11.71 -39.15
CA ASP A 28 -1.01 12.65 -38.26
C ASP A 28 -0.26 12.01 -37.09
N VAL A 29 -0.76 10.89 -36.55
CA VAL A 29 -0.18 10.25 -35.38
C VAL A 29 0.47 8.85 -35.65
N VAL A 30 -0.05 8.08 -36.63
CA VAL A 30 0.41 6.71 -36.91
C VAL A 30 1.88 6.66 -37.41
N ILE A 31 2.70 5.88 -36.69
CA ILE A 31 4.11 5.58 -36.96
C ILE A 31 4.15 4.15 -37.55
N ASP A 32 4.99 3.92 -38.59
N ASP A 32 4.99 3.91 -38.57
CA ASP A 32 5.15 2.60 -39.21
CA ASP A 32 5.14 2.59 -39.20
C ASP A 32 5.70 1.62 -38.18
C ASP A 32 5.68 1.62 -38.15
N ARG A 33 5.06 0.43 -38.06
CA ARG A 33 5.39 -0.62 -37.10
C ARG A 33 6.85 -1.12 -37.16
N ASN A 34 7.51 -1.11 -38.33
CA ASN A 34 8.91 -1.56 -38.44
C ASN A 34 9.92 -0.56 -37.82
N LEU A 35 9.45 0.63 -37.39
CA LEU A 35 10.30 1.65 -36.75
C LEU A 35 10.36 1.43 -35.24
N LEU A 36 9.54 0.50 -34.73
CA LEU A 36 9.44 0.17 -33.31
C LEU A 36 9.94 -1.25 -33.02
N ILE A 37 10.77 -1.37 -32.00
CA ILE A 37 11.31 -2.63 -31.52
C ILE A 37 10.83 -2.77 -30.08
N LEU A 38 10.12 -3.87 -29.78
CA LEU A 38 9.57 -4.11 -28.44
C LEU A 38 10.50 -4.95 -27.60
N GLY A 39 10.58 -4.62 -26.32
CA GLY A 39 11.43 -5.33 -25.37
C GLY A 39 10.66 -6.07 -24.29
N LYS A 40 11.07 -5.86 -23.04
CA LYS A 40 10.49 -6.51 -21.85
C LYS A 40 9.25 -5.78 -21.34
N ILE A 41 8.37 -6.52 -20.66
CA ILE A 41 7.15 -5.97 -20.07
C ILE A 41 7.54 -5.28 -18.75
N LEU A 42 7.13 -4.00 -18.61
CA LEU A 42 7.36 -3.17 -17.44
C LEU A 42 6.20 -3.36 -16.45
N GLY A 43 4.99 -3.41 -16.99
CA GLY A 43 3.74 -3.61 -16.26
C GLY A 43 2.69 -4.28 -17.13
N GLU A 44 1.82 -5.08 -16.51
CA GLU A 44 0.76 -5.81 -17.20
C GLU A 44 -0.56 -5.73 -16.42
N GLY A 45 -1.63 -5.43 -17.15
CA GLY A 45 -2.98 -5.31 -16.62
C GLY A 45 -3.98 -6.17 -17.38
N GLU A 46 -5.27 -5.98 -17.10
CA GLU A 46 -6.36 -6.73 -17.73
C GLU A 46 -6.64 -6.25 -19.17
N PHE A 47 -6.70 -4.92 -19.39
CA PHE A 47 -7.00 -4.34 -20.69
C PHE A 47 -5.78 -3.71 -21.40
N GLY A 48 -4.58 -4.03 -20.93
CA GLY A 48 -3.35 -3.51 -21.51
C GLY A 48 -2.05 -3.93 -20.89
N SER A 49 -0.94 -3.45 -21.47
CA SER A 49 0.43 -3.72 -21.03
C SER A 49 1.37 -2.55 -21.33
N VAL A 50 2.40 -2.37 -20.49
CA VAL A 50 3.44 -1.34 -20.66
C VAL A 50 4.77 -2.07 -20.91
N MET A 51 5.42 -1.75 -22.03
CA MET A 51 6.68 -2.39 -22.42
C MET A 51 7.76 -1.37 -22.74
N GLU A 52 9.03 -1.74 -22.51
CA GLU A 52 10.16 -0.91 -22.90
C GLU A 52 10.37 -1.16 -24.39
N GLY A 53 10.83 -0.15 -25.11
CA GLY A 53 11.05 -0.27 -26.55
C GLY A 53 12.04 0.73 -27.11
N ASN A 54 12.33 0.56 -28.41
CA ASN A 54 13.20 1.43 -29.20
C ASN A 54 12.41 1.96 -30.37
N LEU A 55 12.45 3.28 -30.57
CA LEU A 55 11.79 3.92 -31.70
C LEU A 55 12.83 4.60 -32.60
N LYS A 56 12.90 4.21 -33.90
CA LYS A 56 13.79 4.84 -34.88
C LYS A 56 13.11 6.14 -35.33
N GLN A 57 13.75 7.29 -35.07
CA GLN A 57 13.21 8.63 -35.36
C GLN A 57 13.53 9.08 -36.79
N GLU A 58 12.98 10.25 -37.18
CA GLU A 58 13.15 10.86 -38.49
C GLU A 58 14.60 11.28 -38.74
N ASP A 59 15.29 11.78 -37.70
CA ASP A 59 16.69 12.21 -37.78
C ASP A 59 17.69 11.04 -37.87
N GLY A 60 17.17 9.81 -37.89
CA GLY A 60 17.98 8.60 -37.99
C GLY A 60 18.46 8.03 -36.68
N THR A 61 18.16 8.71 -35.54
CA THR A 61 18.56 8.20 -34.22
C THR A 61 17.45 7.33 -33.64
N SER A 62 17.79 6.46 -32.68
CA SER A 62 16.83 5.60 -31.98
C SER A 62 16.65 6.14 -30.58
N LEU A 63 15.38 6.31 -30.16
CA LEU A 63 15.02 6.80 -28.84
C LEU A 63 14.42 5.67 -28.01
N LYS A 64 14.74 5.64 -26.70
CA LYS A 64 14.14 4.67 -25.77
C LYS A 64 12.70 5.11 -25.47
N VAL A 65 11.75 4.19 -25.66
CA VAL A 65 10.33 4.48 -25.49
C VAL A 65 9.61 3.52 -24.50
N ALA A 66 8.48 3.99 -23.95
CA ALA A 66 7.57 3.19 -23.14
C ALA A 66 6.36 2.99 -24.05
N VAL A 67 5.96 1.73 -24.28
CA VAL A 67 4.88 1.36 -25.19
C VAL A 67 3.67 0.87 -24.38
N LYS A 68 2.55 1.61 -24.47
CA LYS A 68 1.32 1.27 -23.78
C LYS A 68 0.35 0.62 -24.78
N THR A 69 0.18 -0.70 -24.70
CA THR A 69 -0.73 -1.46 -25.57
C THR A 69 -2.11 -1.45 -24.92
N MET A 70 -3.15 -1.29 -25.74
CA MET A 70 -4.52 -1.22 -25.25
C MET A 70 -5.49 -2.14 -25.97
N LYS A 71 -6.34 -2.82 -25.20
CA LYS A 71 -7.38 -3.72 -25.73
C LYS A 71 -8.63 -2.89 -25.96
N LEU A 72 -8.96 -2.66 -27.22
CA LEU A 72 -10.14 -1.87 -27.57
C LEU A 72 -11.34 -2.75 -27.87
N ASP A 73 -12.56 -2.21 -27.64
CA ASP A 73 -13.82 -2.89 -27.92
C ASP A 73 -14.01 -2.82 -29.44
N ASN A 74 -13.63 -3.90 -30.14
CA ASN A 74 -13.68 -3.97 -31.60
C ASN A 74 -15.08 -4.36 -32.17
N SER A 75 -16.12 -4.45 -31.31
CA SER A 75 -17.49 -4.78 -31.72
C SER A 75 -18.14 -3.63 -32.54
N SER A 76 -17.54 -2.43 -32.45
CA SER A 76 -17.91 -1.24 -33.23
C SER A 76 -16.64 -0.42 -33.50
N GLN A 77 -16.73 0.57 -34.39
CA GLN A 77 -15.58 1.41 -34.71
C GLN A 77 -15.50 2.64 -33.79
N ARG A 78 -16.41 2.74 -32.81
CA ARG A 78 -16.49 3.85 -31.86
C ARG A 78 -15.24 4.04 -31.00
N GLU A 79 -14.66 2.94 -30.46
CA GLU A 79 -13.46 3.05 -29.63
C GLU A 79 -12.21 3.39 -30.43
N ILE A 80 -12.01 2.78 -31.62
CA ILE A 80 -10.84 3.07 -32.48
C ILE A 80 -10.89 4.52 -33.00
N GLU A 81 -12.09 5.04 -33.34
CA GLU A 81 -12.27 6.41 -33.82
C GLU A 81 -11.97 7.41 -32.69
N GLU A 82 -12.52 7.15 -31.48
CA GLU A 82 -12.31 7.94 -30.28
C GLU A 82 -10.85 7.89 -29.83
N PHE A 83 -10.18 6.73 -30.06
CA PHE A 83 -8.75 6.54 -29.76
C PHE A 83 -7.89 7.43 -30.66
N LEU A 84 -8.08 7.33 -31.98
CA LEU A 84 -7.36 8.11 -33.00
C LEU A 84 -7.62 9.61 -32.85
N SER A 85 -8.86 10.01 -32.52
CA SER A 85 -9.26 11.40 -32.29
C SER A 85 -8.48 11.99 -31.11
N GLU A 86 -8.39 11.22 -29.99
CA GLU A 86 -7.63 11.61 -28.80
C GLU A 86 -6.13 11.68 -29.12
N ALA A 87 -5.60 10.70 -29.88
CA ALA A 87 -4.20 10.66 -30.28
C ALA A 87 -3.83 11.90 -31.14
N ALA A 88 -4.66 12.22 -32.15
CA ALA A 88 -4.48 13.40 -33.02
C ALA A 88 -4.50 14.70 -32.19
N CYS A 89 -5.39 14.77 -31.18
CA CYS A 89 -5.55 15.88 -30.23
C CYS A 89 -4.31 16.00 -29.33
N MET A 90 -3.77 14.87 -28.85
CA MET A 90 -2.59 14.81 -27.99
C MET A 90 -1.29 15.17 -28.72
N LYS A 91 -1.15 14.75 -30.00
CA LYS A 91 0.04 15.05 -30.80
C LYS A 91 0.35 16.55 -30.80
N ASP A 92 -0.71 17.39 -30.90
CA ASP A 92 -0.66 18.86 -30.90
C ASP A 92 -0.39 19.46 -29.51
N PHE A 93 -0.57 18.67 -28.44
CA PHE A 93 -0.31 19.17 -27.09
C PHE A 93 1.19 19.27 -26.89
N SER A 94 1.65 20.38 -26.29
CA SER A 94 3.07 20.58 -25.99
C SER A 94 3.22 21.41 -24.71
N HIS A 95 3.61 20.75 -23.63
CA HIS A 95 3.84 21.37 -22.32
C HIS A 95 4.87 20.57 -21.55
N PRO A 96 5.84 21.23 -20.85
CA PRO A 96 6.87 20.47 -20.12
C PRO A 96 6.37 19.57 -18.98
N ASN A 97 5.17 19.84 -18.45
CA ASN A 97 4.60 19.07 -17.35
C ASN A 97 3.47 18.11 -17.81
N VAL A 98 3.43 17.80 -19.12
CA VAL A 98 2.52 16.84 -19.75
C VAL A 98 3.41 15.90 -20.60
N ILE A 99 3.28 14.57 -20.43
CA ILE A 99 4.08 13.60 -21.21
C ILE A 99 3.83 13.81 -22.71
N ARG A 100 4.91 13.82 -23.48
CA ARG A 100 4.83 14.05 -24.92
C ARG A 100 4.41 12.75 -25.61
N LEU A 101 3.44 12.82 -26.52
CA LEU A 101 3.03 11.66 -27.28
C LEU A 101 3.87 11.66 -28.56
N LEU A 102 4.66 10.62 -28.75
CA LEU A 102 5.51 10.52 -29.93
C LEU A 102 4.71 10.05 -31.15
N GLY A 103 3.72 9.19 -30.92
CA GLY A 103 2.85 8.65 -31.95
C GLY A 103 2.18 7.36 -31.55
N VAL A 104 1.47 6.73 -32.51
CA VAL A 104 0.78 5.45 -32.29
C VAL A 104 1.19 4.39 -33.34
N CYS A 105 1.05 3.11 -32.99
CA CYS A 105 1.31 1.95 -33.86
C CYS A 105 0.09 1.01 -33.81
N ILE A 106 -0.19 0.29 -34.91
CA ILE A 106 -1.27 -0.69 -34.98
C ILE A 106 -0.68 -2.02 -35.45
N GLU A 107 -0.83 -3.09 -34.64
CA GLU A 107 -0.32 -4.42 -34.95
C GLU A 107 -1.40 -5.34 -35.54
N PRO A 114 -6.00 -5.81 -35.04
CA PRO A 114 -6.19 -4.38 -34.76
C PRO A 114 -5.87 -4.03 -33.29
N LYS A 115 -4.57 -4.00 -32.94
CA LYS A 115 -4.10 -3.68 -31.60
C LYS A 115 -3.35 -2.34 -31.52
N PRO A 116 -3.95 -1.30 -30.93
CA PRO A 116 -3.27 0.01 -30.85
C PRO A 116 -2.20 0.09 -29.75
N MET A 117 -1.10 0.79 -30.07
CA MET A 117 0.06 0.97 -29.18
C MET A 117 0.39 2.46 -29.07
N VAL A 118 0.45 2.97 -27.82
CA VAL A 118 0.77 4.38 -27.55
C VAL A 118 2.28 4.49 -27.25
N ILE A 119 2.99 5.30 -28.04
CA ILE A 119 4.44 5.50 -27.90
C ILE A 119 4.75 6.79 -27.17
N LEU A 120 5.41 6.66 -26.02
CA LEU A 120 5.78 7.76 -25.13
C LEU A 120 7.28 7.70 -24.81
N PRO A 121 7.93 8.79 -24.34
CA PRO A 121 9.37 8.67 -24.01
C PRO A 121 9.57 7.83 -22.78
N PHE A 122 10.68 7.07 -22.74
CA PHE A 122 11.00 6.24 -21.59
C PHE A 122 11.70 7.13 -20.56
N MET A 123 11.27 7.03 -19.31
N MET A 123 11.27 7.03 -19.30
CA MET A 123 11.86 7.82 -18.22
CA MET A 123 11.86 7.80 -18.21
C MET A 123 12.48 6.90 -17.17
C MET A 123 12.49 6.87 -17.19
N LYS A 124 13.83 6.90 -17.12
CA LYS A 124 14.63 6.07 -16.21
C LYS A 124 14.31 6.28 -14.72
N TYR A 125 13.87 7.50 -14.33
CA TYR A 125 13.55 7.76 -12.92
C TYR A 125 12.16 7.22 -12.53
N GLY A 126 11.40 6.76 -13.52
CA GLY A 126 10.10 6.11 -13.33
C GLY A 126 9.01 7.00 -12.79
N ASP A 127 7.99 6.37 -12.19
CA ASP A 127 6.84 7.05 -11.61
C ASP A 127 7.16 7.64 -10.22
N LEU A 128 6.49 8.73 -9.89
CA LEU A 128 6.63 9.49 -8.65
C LEU A 128 6.26 8.70 -7.41
N HIS A 129 5.23 7.83 -7.48
CA HIS A 129 4.82 7.04 -6.30
C HIS A 129 5.96 6.14 -5.83
N THR A 130 6.57 5.39 -6.77
CA THR A 130 7.69 4.49 -6.47
C THR A 130 8.91 5.27 -5.95
N TYR A 131 9.17 6.44 -6.55
CA TYR A 131 10.27 7.33 -6.19
C TYR A 131 10.15 7.78 -4.73
N LEU A 132 8.95 8.24 -4.33
CA LEU A 132 8.67 8.68 -2.95
C LEU A 132 8.96 7.55 -1.97
N LEU A 133 8.56 6.30 -2.29
CA LEU A 133 8.80 5.13 -1.44
C LEU A 133 10.29 4.77 -1.36
N TYR A 134 11.03 4.83 -2.49
CA TYR A 134 12.48 4.55 -2.51
C TYR A 134 13.24 5.58 -1.66
N SER A 135 12.75 6.84 -1.61
CA SER A 135 13.37 7.94 -0.88
C SER A 135 13.42 7.71 0.63
N ARG A 136 12.52 6.84 1.13
CA ARG A 136 12.45 6.48 2.55
C ARG A 136 13.39 5.29 2.90
N LEU A 137 14.14 4.79 1.89
CA LEU A 137 15.08 3.68 2.09
C LEU A 137 16.51 4.16 1.79
N GLU A 138 17.51 3.60 2.48
CA GLU A 138 18.94 3.98 2.39
C GLU A 138 19.53 4.01 0.97
N THR A 139 19.35 2.93 0.17
CA THR A 139 19.94 2.86 -1.18
C THR A 139 19.22 3.73 -2.22
N GLY A 140 17.97 4.09 -1.96
CA GLY A 140 17.17 4.94 -2.84
C GLY A 140 17.60 6.40 -2.81
N PRO A 141 16.87 7.31 -3.51
CA PRO A 141 17.25 8.73 -3.49
C PRO A 141 17.27 9.31 -2.08
N LYS A 142 18.02 10.40 -1.85
CA LYS A 142 18.14 11.02 -0.53
C LYS A 142 16.78 11.54 -0.01
N HIS A 143 16.66 11.78 1.32
CA HIS A 143 15.44 12.31 1.94
C HIS A 143 14.98 13.54 1.13
N ILE A 144 13.75 13.48 0.60
CA ILE A 144 13.19 14.58 -0.20
C ILE A 144 12.77 15.74 0.72
N PRO A 145 13.37 16.96 0.57
CA PRO A 145 12.95 18.09 1.42
C PRO A 145 11.57 18.62 1.01
N LEU A 146 10.90 19.36 1.92
CA LEU A 146 9.59 19.97 1.71
C LEU A 146 9.51 20.82 0.44
N GLN A 147 10.58 21.63 0.17
CA GLN A 147 10.71 22.50 -1.02
C GLN A 147 10.56 21.68 -2.31
N THR A 148 11.19 20.47 -2.35
CA THR A 148 11.15 19.56 -3.51
C THR A 148 9.76 18.90 -3.63
N LEU A 149 9.15 18.50 -2.49
CA LEU A 149 7.80 17.89 -2.46
C LEU A 149 6.75 18.84 -3.06
N LEU A 150 6.84 20.13 -2.70
CA LEU A 150 5.94 21.17 -3.18
C LEU A 150 6.18 21.49 -4.66
N LYS A 151 7.44 21.38 -5.15
CA LYS A 151 7.74 21.62 -6.57
C LYS A 151 7.15 20.50 -7.42
N PHE A 152 7.09 19.26 -6.87
CA PHE A 152 6.47 18.10 -7.53
C PHE A 152 4.98 18.43 -7.78
N MET A 153 4.31 18.99 -6.77
CA MET A 153 2.91 19.41 -6.79
C MET A 153 2.66 20.54 -7.79
N VAL A 154 3.53 21.58 -7.81
CA VAL A 154 3.43 22.72 -8.75
C VAL A 154 3.51 22.16 -10.18
N ASP A 155 4.46 21.23 -10.44
CA ASP A 155 4.66 20.58 -11.76
C ASP A 155 3.39 19.87 -12.25
N ILE A 156 2.75 19.11 -11.38
CA ILE A 156 1.50 18.41 -11.70
C ILE A 156 0.39 19.43 -11.96
N ALA A 157 0.27 20.47 -11.09
CA ALA A 157 -0.74 21.54 -11.23
C ALA A 157 -0.59 22.26 -12.55
N LEU A 158 0.67 22.53 -12.97
CA LEU A 158 0.99 23.19 -14.24
C LEU A 158 0.56 22.29 -15.41
N GLY A 159 0.86 20.99 -15.31
CA GLY A 159 0.44 20.01 -16.30
C GLY A 159 -1.06 19.92 -16.42
N MET A 160 -1.76 19.86 -15.27
CA MET A 160 -3.21 19.78 -15.20
C MET A 160 -3.91 21.05 -15.64
N GLU A 161 -3.31 22.22 -15.35
CA GLU A 161 -3.82 23.53 -15.78
C GLU A 161 -3.81 23.60 -17.30
N TYR A 162 -2.73 23.06 -17.96
CA TYR A 162 -2.62 23.02 -19.42
C TYR A 162 -3.76 22.17 -20.03
N LEU A 163 -4.00 20.95 -19.49
CA LEU A 163 -5.06 20.05 -19.95
C LEU A 163 -6.47 20.60 -19.68
N SER A 164 -6.69 21.15 -18.47
CA SER A 164 -7.98 21.72 -18.07
C SER A 164 -8.40 22.91 -18.94
N ASN A 165 -7.41 23.69 -19.42
CA ASN A 165 -7.61 24.83 -20.31
C ASN A 165 -8.08 24.40 -21.70
N ARG A 166 -7.67 23.19 -22.15
CA ARG A 166 -8.04 22.62 -23.44
C ARG A 166 -9.22 21.65 -23.28
N ASN A 167 -9.88 21.69 -22.11
CA ASN A 167 -11.04 20.88 -21.72
C ASN A 167 -10.77 19.36 -21.81
N PHE A 168 -9.51 18.96 -21.54
CA PHE A 168 -9.10 17.56 -21.56
C PHE A 168 -9.13 16.98 -20.14
N LEU A 169 -9.93 15.92 -19.95
CA LEU A 169 -10.07 15.24 -18.67
C LEU A 169 -9.04 14.11 -18.54
N HIS A 170 -8.28 14.08 -17.43
CA HIS A 170 -7.28 13.03 -17.17
C HIS A 170 -8.00 11.70 -16.87
N ARG A 171 -8.88 11.69 -15.84
CA ARG A 171 -9.72 10.55 -15.39
C ARG A 171 -8.95 9.48 -14.56
N ASP A 172 -7.62 9.62 -14.41
CA ASP A 172 -6.80 8.67 -13.65
C ASP A 172 -5.60 9.34 -12.96
N LEU A 173 -5.81 10.53 -12.37
CA LEU A 173 -4.72 11.24 -11.69
C LEU A 173 -4.40 10.59 -10.33
N ALA A 174 -3.12 10.23 -10.17
CA ALA A 174 -2.54 9.57 -8.99
C ALA A 174 -1.03 9.69 -9.10
N ALA A 175 -0.31 9.53 -7.97
CA ALA A 175 1.17 9.60 -7.96
C ALA A 175 1.82 8.58 -8.90
N ARG A 176 1.19 7.39 -9.06
CA ARG A 176 1.68 6.30 -9.94
C ARG A 176 1.64 6.70 -11.44
N ASN A 177 0.78 7.68 -11.81
CA ASN A 177 0.64 8.19 -13.19
C ASN A 177 1.43 9.48 -13.44
N CYS A 178 2.19 9.95 -12.44
CA CYS A 178 3.06 11.12 -12.57
C CYS A 178 4.46 10.60 -12.78
N MET A 179 5.12 11.05 -13.85
CA MET A 179 6.44 10.58 -14.26
C MET A 179 7.56 11.58 -14.04
N LEU A 180 8.73 11.08 -13.64
CA LEU A 180 9.90 11.93 -13.42
C LEU A 180 10.83 11.96 -14.65
N ARG A 181 10.97 13.15 -15.25
CA ARG A 181 11.85 13.38 -16.38
C ARG A 181 13.30 13.35 -15.93
N ASP A 182 14.27 13.26 -16.87
CA ASP A 182 15.71 13.19 -16.56
C ASP A 182 16.23 14.41 -15.77
N ASP A 183 15.60 15.59 -15.92
CA ASP A 183 16.01 16.80 -15.17
C ASP A 183 15.28 16.92 -13.80
N MET A 184 14.52 15.87 -13.41
CA MET A 184 13.74 15.69 -12.18
C MET A 184 12.44 16.55 -12.11
N THR A 185 11.97 17.03 -13.28
CA THR A 185 10.70 17.73 -13.38
C THR A 185 9.64 16.62 -13.54
N VAL A 186 8.43 16.87 -13.02
CA VAL A 186 7.32 15.92 -13.05
C VAL A 186 6.40 16.24 -14.21
N CYS A 187 5.91 15.19 -14.88
CA CYS A 187 4.92 15.34 -15.93
C CYS A 187 3.78 14.36 -15.75
N VAL A 188 2.57 14.79 -16.11
CA VAL A 188 1.38 13.96 -16.04
C VAL A 188 1.35 12.96 -17.20
N ALA A 189 0.86 11.74 -16.93
CA ALA A 189 0.76 10.67 -17.90
C ALA A 189 -0.40 9.75 -17.53
N ASP A 190 -0.71 8.78 -18.38
CA ASP A 190 -1.73 7.78 -18.08
C ASP A 190 -1.20 6.39 -18.43
N PHE A 191 -0.62 5.71 -17.45
CA PHE A 191 -0.10 4.36 -17.61
C PHE A 191 -1.09 3.32 -17.06
N GLY A 192 -2.31 3.76 -16.74
CA GLY A 192 -3.39 2.90 -16.25
C GLY A 192 -3.75 1.81 -17.23
N LEU A 193 -3.91 0.56 -16.74
CA LEU A 193 -4.21 -0.60 -17.61
C LEU A 193 -5.57 -1.26 -17.35
N SER A 194 -6.53 -0.51 -16.80
CA SER A 194 -7.88 -1.00 -16.49
C SER A 194 -8.96 -0.12 -17.11
N PRO A 212 -9.38 2.49 -8.82
CA PRO A 212 -8.84 3.70 -8.18
C PRO A 212 -9.88 4.42 -7.34
N VAL A 213 -10.75 3.66 -6.64
CA VAL A 213 -11.86 4.12 -5.80
C VAL A 213 -11.43 5.23 -4.81
N LYS A 214 -10.23 5.10 -4.20
CA LYS A 214 -9.72 6.05 -3.21
C LYS A 214 -9.27 7.41 -3.81
N TRP A 215 -9.32 7.56 -5.16
CA TRP A 215 -8.99 8.80 -5.87
C TRP A 215 -10.23 9.41 -6.52
N ILE A 216 -11.35 8.65 -6.58
CA ILE A 216 -12.58 9.06 -7.25
C ILE A 216 -13.44 10.05 -6.42
N ALA A 217 -13.78 11.22 -7.03
CA ALA A 217 -14.62 12.28 -6.44
C ALA A 217 -15.97 11.72 -6.00
N ILE A 218 -16.51 12.23 -4.86
CA ILE A 218 -17.79 11.80 -4.28
C ILE A 218 -18.94 11.75 -5.31
N GLU A 219 -19.07 12.78 -6.19
CA GLU A 219 -20.12 12.82 -7.22
C GLU A 219 -19.95 11.75 -8.29
N SER A 220 -18.70 11.30 -8.53
CA SER A 220 -18.38 10.27 -9.51
C SER A 220 -18.65 8.87 -8.97
N LEU A 221 -18.72 8.72 -7.64
CA LEU A 221 -19.05 7.46 -6.97
C LEU A 221 -20.57 7.29 -6.93
N ALA A 222 -21.31 8.42 -6.88
CA ALA A 222 -22.78 8.43 -6.84
C ALA A 222 -23.39 8.32 -8.24
N ASP A 223 -22.80 9.00 -9.25
CA ASP A 223 -23.29 9.01 -10.63
C ASP A 223 -22.16 8.74 -11.63
N ARG A 224 -22.50 8.63 -12.93
CA ARG A 224 -21.50 8.41 -13.99
C ARG A 224 -20.64 9.66 -14.24
N VAL A 225 -21.11 10.83 -13.74
CA VAL A 225 -20.55 12.19 -13.81
C VAL A 225 -19.03 12.24 -13.53
N TYR A 226 -18.28 12.92 -14.42
CA TYR A 226 -16.84 13.15 -14.31
C TYR A 226 -16.49 14.42 -15.09
N THR A 227 -16.05 15.47 -14.37
CA THR A 227 -15.67 16.77 -14.94
C THR A 227 -14.24 17.13 -14.51
N SER A 228 -13.81 18.38 -14.80
CA SER A 228 -12.48 18.89 -14.43
C SER A 228 -12.34 18.98 -12.91
N LYS A 229 -13.45 19.24 -12.21
CA LYS A 229 -13.52 19.33 -10.75
C LYS A 229 -13.32 17.96 -10.09
N SER A 230 -13.59 16.86 -10.84
CA SER A 230 -13.31 15.49 -10.39
C SER A 230 -11.81 15.25 -10.49
N ASP A 231 -11.13 15.83 -11.53
CA ASP A 231 -9.66 15.72 -11.68
C ASP A 231 -9.00 16.48 -10.52
N VAL A 232 -9.61 17.62 -10.12
CA VAL A 232 -9.19 18.47 -9.01
C VAL A 232 -9.22 17.65 -7.69
N TRP A 233 -10.28 16.83 -7.47
CA TRP A 233 -10.39 15.96 -6.28
C TRP A 233 -9.20 15.00 -6.28
N ALA A 234 -8.98 14.28 -7.41
CA ALA A 234 -7.85 13.35 -7.59
C ALA A 234 -6.50 14.02 -7.37
N PHE A 235 -6.39 15.32 -7.72
CA PHE A 235 -5.17 16.10 -7.49
C PHE A 235 -4.91 16.29 -6.00
N GLY A 236 -5.96 16.61 -5.25
CA GLY A 236 -5.90 16.75 -3.81
C GLY A 236 -5.37 15.47 -3.17
N VAL A 237 -5.87 14.30 -3.66
CA VAL A 237 -5.43 12.98 -3.19
C VAL A 237 -3.96 12.75 -3.61
N THR A 238 -3.59 13.14 -4.85
CA THR A 238 -2.22 13.04 -5.36
C THR A 238 -1.24 13.84 -4.46
N MET A 239 -1.65 15.06 -4.03
CA MET A 239 -0.91 15.95 -3.13
C MET A 239 -0.65 15.28 -1.77
N TRP A 240 -1.66 14.58 -1.23
CA TRP A 240 -1.63 13.87 0.05
C TRP A 240 -0.62 12.71 -0.06
N GLU A 241 -0.66 11.96 -1.18
CA GLU A 241 0.28 10.87 -1.49
C GLU A 241 1.73 11.41 -1.46
N ILE A 242 1.96 12.63 -2.01
CA ILE A 242 3.29 13.26 -2.04
C ILE A 242 3.71 13.69 -0.63
N ALA A 243 2.83 14.43 0.08
CA ALA A 243 3.06 14.90 1.45
C ALA A 243 3.36 13.77 2.44
N THR A 244 2.75 12.57 2.25
CA THR A 244 2.97 11.41 3.13
C THR A 244 4.12 10.53 2.65
N ARG A 245 4.71 10.86 1.50
CA ARG A 245 5.81 10.13 0.87
C ARG A 245 5.40 8.69 0.49
N GLY A 246 4.22 8.57 -0.12
CA GLY A 246 3.73 7.31 -0.68
C GLY A 246 2.76 6.44 0.07
N MET A 247 2.07 6.98 1.10
CA MET A 247 1.09 6.21 1.83
C MET A 247 -0.12 5.97 0.95
N THR A 248 -0.78 4.81 1.13
CA THR A 248 -2.04 4.49 0.46
C THR A 248 -3.12 5.38 1.11
N PRO A 249 -3.99 6.08 0.33
CA PRO A 249 -5.01 6.94 0.96
C PRO A 249 -5.97 6.21 1.90
N TYR A 250 -6.41 6.91 2.93
CA TYR A 250 -7.39 6.45 3.94
C TYR A 250 -6.95 5.15 4.67
N PRO A 251 -5.86 5.18 5.48
CA PRO A 251 -5.51 3.97 6.25
C PRO A 251 -6.66 3.63 7.21
N GLY A 252 -6.94 2.33 7.35
CA GLY A 252 -8.05 1.84 8.18
C GLY A 252 -9.42 1.89 7.51
N VAL A 253 -9.50 2.39 6.26
CA VAL A 253 -10.77 2.46 5.52
C VAL A 253 -10.69 1.50 4.33
N GLN A 254 -11.71 0.63 4.18
CA GLN A 254 -11.78 -0.32 3.07
C GLN A 254 -12.28 0.38 1.80
N ASN A 255 -12.03 -0.21 0.63
CA ASN A 255 -12.49 0.33 -0.65
C ASN A 255 -14.01 0.39 -0.76
N HIS A 256 -14.70 -0.62 -0.20
CA HIS A 256 -16.16 -0.70 -0.24
C HIS A 256 -16.86 0.28 0.73
N GLU A 257 -16.14 0.81 1.74
CA GLU A 257 -16.67 1.76 2.74
C GLU A 257 -16.55 3.23 2.30
N MET A 258 -15.70 3.47 1.31
CA MET A 258 -15.34 4.79 0.78
C MET A 258 -16.51 5.75 0.52
N TYR A 259 -17.54 5.35 -0.24
CA TYR A 259 -18.68 6.24 -0.53
C TYR A 259 -19.41 6.71 0.75
N ASP A 260 -19.71 5.78 1.66
CA ASP A 260 -20.37 6.08 2.94
C ASP A 260 -19.51 6.98 3.82
N TYR A 261 -18.17 6.69 3.87
CA TYR A 261 -17.16 7.44 4.61
C TYR A 261 -17.11 8.92 4.17
N LEU A 262 -17.12 9.17 2.82
CA LEU A 262 -17.10 10.52 2.27
C LEU A 262 -18.43 11.24 2.48
N LEU A 263 -19.55 10.50 2.38
CA LEU A 263 -20.92 10.99 2.56
C LEU A 263 -21.15 11.55 3.97
N HIS A 264 -20.44 10.99 4.98
CA HIS A 264 -20.51 11.43 6.38
C HIS A 264 -19.55 12.61 6.68
N GLY A 265 -19.04 13.23 5.63
CA GLY A 265 -18.16 14.39 5.71
C GLY A 265 -16.69 14.13 6.00
N HIS A 266 -16.28 12.85 6.18
CA HIS A 266 -14.89 12.51 6.47
C HIS A 266 -14.01 12.66 5.23
N ARG A 267 -12.77 13.15 5.42
CA ARG A 267 -11.77 13.36 4.37
C ARG A 267 -10.39 12.90 4.86
N LEU A 268 -9.41 12.77 3.94
CA LEU A 268 -8.02 12.41 4.25
C LEU A 268 -7.49 13.34 5.35
N LYS A 269 -6.89 12.75 6.39
CA LYS A 269 -6.38 13.48 7.56
C LYS A 269 -5.09 14.24 7.22
N GLN A 270 -4.80 15.31 7.98
CA GLN A 270 -3.58 16.09 7.73
C GLN A 270 -2.32 15.28 8.07
N PRO A 271 -1.34 15.15 7.13
CA PRO A 271 -0.10 14.42 7.47
C PRO A 271 0.70 15.13 8.57
N GLU A 272 1.52 14.37 9.32
CA GLU A 272 2.34 14.84 10.46
C GLU A 272 3.28 16.02 10.14
N ASP A 273 4.07 15.91 9.06
CA ASP A 273 5.03 16.94 8.65
C ASP A 273 4.42 17.89 7.60
N CYS A 274 3.10 18.10 7.67
CA CYS A 274 2.42 18.93 6.68
C CYS A 274 2.00 20.27 7.23
N LEU A 275 2.41 21.36 6.52
CA LEU A 275 2.07 22.74 6.83
C LEU A 275 0.56 22.91 6.74
N ASP A 276 -0.03 23.71 7.66
CA ASP A 276 -1.46 24.00 7.66
C ASP A 276 -1.90 24.62 6.34
N GLU A 277 -1.10 25.53 5.76
CA GLU A 277 -1.39 26.19 4.47
C GLU A 277 -1.49 25.18 3.32
N LEU A 278 -0.63 24.14 3.33
CA LEU A 278 -0.64 23.06 2.36
C LEU A 278 -1.88 22.17 2.51
N TYR A 279 -2.21 21.74 3.76
CA TYR A 279 -3.42 20.94 4.02
C TYR A 279 -4.69 21.70 3.60
N GLU A 280 -4.69 23.04 3.78
CA GLU A 280 -5.80 23.94 3.40
C GLU A 280 -6.03 23.87 1.87
N ILE A 281 -4.94 23.81 1.09
CA ILE A 281 -4.96 23.71 -0.37
C ILE A 281 -5.53 22.33 -0.78
N MET A 282 -5.01 21.21 -0.20
CA MET A 282 -5.50 19.88 -0.58
C MET A 282 -6.96 19.63 -0.14
N TYR A 283 -7.36 20.13 1.05
CA TYR A 283 -8.73 20.00 1.55
C TYR A 283 -9.75 20.69 0.62
N SER A 284 -9.40 21.86 0.05
CA SER A 284 -10.28 22.62 -0.86
C SER A 284 -10.66 21.82 -2.14
N CYS A 285 -9.83 20.78 -2.47
CA CYS A 285 -10.01 19.87 -3.59
C CYS A 285 -11.12 18.88 -3.30
N TRP A 286 -11.50 18.70 -2.00
CA TRP A 286 -12.45 17.66 -1.60
C TRP A 286 -13.79 18.19 -1.11
N ARG A 287 -14.12 19.44 -1.44
CA ARG A 287 -15.38 20.06 -1.10
C ARG A 287 -16.51 19.28 -1.78
N THR A 288 -17.59 19.01 -1.06
CA THR A 288 -18.73 18.18 -1.50
C THR A 288 -19.28 18.61 -2.85
N ASP A 289 -19.58 19.91 -3.01
CA ASP A 289 -20.08 20.47 -4.26
C ASP A 289 -18.87 20.71 -5.17
N PRO A 290 -18.84 20.09 -6.38
CA PRO A 290 -17.71 20.30 -7.30
C PRO A 290 -17.44 21.75 -7.66
N LEU A 291 -18.50 22.58 -7.73
CA LEU A 291 -18.40 24.01 -8.06
C LEU A 291 -17.55 24.83 -7.07
N ASP A 292 -17.53 24.41 -5.79
CA ASP A 292 -16.79 25.04 -4.69
C ASP A 292 -15.28 24.71 -4.72
N ARG A 293 -14.87 23.69 -5.49
CA ARG A 293 -13.46 23.31 -5.62
C ARG A 293 -12.72 24.34 -6.50
N PRO A 294 -11.46 24.70 -6.17
CA PRO A 294 -10.72 25.65 -7.02
C PRO A 294 -10.34 25.06 -8.38
N THR A 295 -10.08 25.93 -9.37
CA THR A 295 -9.62 25.47 -10.68
C THR A 295 -8.14 25.08 -10.53
N PHE A 296 -7.60 24.38 -11.53
CA PHE A 296 -6.19 24.02 -11.51
C PHE A 296 -5.31 25.28 -11.59
N SER A 297 -5.80 26.33 -12.29
CA SER A 297 -5.14 27.62 -12.42
C SER A 297 -4.95 28.30 -11.05
N VAL A 298 -6.00 28.26 -10.19
CA VAL A 298 -5.98 28.82 -8.84
C VAL A 298 -5.04 27.99 -7.97
N LEU A 299 -5.18 26.65 -8.03
CA LEU A 299 -4.35 25.68 -7.30
C LEU A 299 -2.86 25.85 -7.58
N ARG A 300 -2.51 26.02 -8.86
CA ARG A 300 -1.13 26.17 -9.28
C ARG A 300 -0.48 27.41 -8.64
N LEU A 301 -1.20 28.55 -8.65
CA LEU A 301 -0.69 29.80 -8.10
C LEU A 301 -0.56 29.74 -6.58
N GLN A 302 -1.55 29.15 -5.87
CA GLN A 302 -1.51 28.93 -4.41
C GLN A 302 -0.27 28.12 -4.02
N LEU A 303 0.04 27.06 -4.78
CA LEU A 303 1.21 26.21 -4.53
C LEU A 303 2.52 26.96 -4.80
N GLU A 304 2.61 27.73 -5.93
CA GLU A 304 3.79 28.57 -6.25
C GLU A 304 4.04 29.60 -5.16
N LYS A 305 2.98 30.31 -4.70
CA LYS A 305 3.06 31.32 -3.63
C LYS A 305 3.53 30.70 -2.32
N LEU A 306 3.00 29.51 -1.97
CA LEU A 306 3.40 28.78 -0.76
C LEU A 306 4.87 28.30 -0.86
N LEU A 307 5.27 27.76 -2.02
CA LEU A 307 6.65 27.31 -2.26
C LEU A 307 7.65 28.48 -2.14
N GLU A 308 7.29 29.65 -2.69
CA GLU A 308 8.12 30.86 -2.67
C GLU A 308 8.24 31.52 -1.28
N SER A 309 7.35 31.16 -0.33
CA SER A 309 7.38 31.70 1.04
C SER A 309 8.28 30.88 1.97
N LEU A 310 8.82 29.74 1.49
CA LEU A 310 9.66 28.84 2.28
C LEU A 310 11.18 29.11 2.15
N PRO A 311 11.99 28.79 3.19
CA PRO A 311 13.45 28.99 3.08
C PRO A 311 14.11 27.89 2.24
N GLN B 23 -12.70 -35.67 23.99
CA GLN B 23 -14.01 -35.17 24.44
C GLN B 23 -13.91 -34.28 25.68
N ASN B 24 -12.91 -34.53 26.55
CA ASN B 24 -12.67 -33.78 27.79
C ASN B 24 -12.16 -32.38 27.51
N LYS B 25 -11.10 -32.26 26.67
CA LYS B 25 -10.48 -30.99 26.29
C LYS B 25 -11.33 -30.23 25.26
N LEU B 26 -12.18 -30.96 24.51
CA LEU B 26 -13.10 -30.41 23.50
C LEU B 26 -14.24 -29.67 24.20
N GLU B 27 -14.69 -30.19 25.36
CA GLU B 27 -15.74 -29.60 26.19
C GLU B 27 -15.19 -28.41 26.97
N ASP B 28 -13.88 -28.46 27.29
CA ASP B 28 -13.15 -27.42 28.04
C ASP B 28 -13.02 -26.12 27.24
N VAL B 29 -12.95 -26.20 25.89
CA VAL B 29 -12.79 -25.05 25.02
C VAL B 29 -14.14 -24.50 24.50
N VAL B 30 -15.15 -25.37 24.28
CA VAL B 30 -16.47 -24.96 23.78
C VAL B 30 -17.28 -24.14 24.81
N ILE B 31 -17.72 -22.95 24.37
CA ILE B 31 -18.56 -21.99 25.11
C ILE B 31 -19.99 -22.13 24.56
N ASP B 32 -21.01 -22.08 25.44
CA ASP B 32 -22.43 -22.13 25.06
C ASP B 32 -22.71 -20.90 24.18
N ARG B 33 -23.43 -21.11 23.06
CA ARG B 33 -23.74 -20.06 22.07
C ARG B 33 -24.60 -18.90 22.64
N ASN B 34 -25.50 -19.19 23.63
CA ASN B 34 -26.34 -18.15 24.24
C ASN B 34 -25.56 -17.15 25.12
N LEU B 35 -24.26 -17.43 25.39
CA LEU B 35 -23.39 -16.57 26.20
C LEU B 35 -22.71 -15.51 25.34
N LEU B 36 -22.85 -15.63 24.00
CA LEU B 36 -22.25 -14.74 23.02
C LEU B 36 -23.31 -13.94 22.26
N ILE B 37 -23.07 -12.63 22.16
CA ILE B 37 -23.92 -11.71 21.41
C ILE B 37 -23.04 -11.11 20.31
N LEU B 38 -23.46 -11.26 19.06
CA LEU B 38 -22.68 -10.78 17.91
C LEU B 38 -23.06 -9.37 17.48
N GLY B 39 -22.07 -8.61 17.05
CA GLY B 39 -22.26 -7.23 16.58
C GLY B 39 -21.80 -7.03 15.14
N LYS B 40 -21.34 -5.81 14.84
CA LYS B 40 -20.89 -5.35 13.51
C LYS B 40 -19.64 -6.09 13.01
N ILE B 41 -19.48 -6.14 11.68
CA ILE B 41 -18.33 -6.77 11.04
C ILE B 41 -17.16 -5.77 11.09
N LEU B 42 -16.02 -6.22 11.62
CA LEU B 42 -14.77 -5.46 11.73
C LEU B 42 -13.94 -5.66 10.46
N GLY B 43 -13.90 -6.90 9.98
CA GLY B 43 -13.19 -7.32 8.78
C GLY B 43 -13.85 -8.53 8.15
N GLU B 44 -13.73 -8.64 6.82
CA GLU B 44 -14.33 -9.73 6.06
C GLU B 44 -13.37 -10.23 4.99
N GLY B 45 -13.22 -11.55 4.92
CA GLY B 45 -12.35 -12.23 3.97
C GLY B 45 -13.07 -13.31 3.19
N GLU B 46 -12.30 -14.13 2.46
CA GLU B 46 -12.81 -15.23 1.63
C GLU B 46 -13.24 -16.44 2.46
N PHE B 47 -12.39 -16.85 3.43
CA PHE B 47 -12.65 -18.03 4.27
C PHE B 47 -13.12 -17.68 5.71
N GLY B 48 -13.48 -16.43 5.95
CA GLY B 48 -13.94 -16.00 7.27
C GLY B 48 -14.27 -14.54 7.44
N SER B 49 -14.66 -14.18 8.68
CA SER B 49 -15.02 -12.82 9.07
C SER B 49 -14.69 -12.54 10.53
N VAL B 50 -14.38 -11.27 10.85
CA VAL B 50 -14.08 -10.80 12.20
C VAL B 50 -15.20 -9.84 12.61
N MET B 51 -15.86 -10.12 13.75
CA MET B 51 -16.95 -9.30 14.28
C MET B 51 -16.70 -8.91 15.74
N GLU B 52 -17.22 -7.77 16.15
CA GLU B 52 -17.19 -7.36 17.55
C GLU B 52 -18.30 -8.18 18.21
N GLY B 53 -18.18 -8.38 19.51
CA GLY B 53 -19.16 -9.13 20.26
C GLY B 53 -19.08 -8.93 21.75
N ASN B 54 -20.05 -9.50 22.48
CA ASN B 54 -20.14 -9.51 23.93
C ASN B 54 -20.15 -10.95 24.39
N LEU B 55 -19.29 -11.27 25.37
CA LEU B 55 -19.25 -12.60 25.96
C LEU B 55 -19.60 -12.52 27.46
N LYS B 56 -20.65 -13.24 27.91
CA LYS B 56 -21.04 -13.30 29.32
C LYS B 56 -20.09 -14.32 29.99
N GLN B 57 -19.31 -13.85 30.97
CA GLN B 57 -18.30 -14.66 31.68
C GLN B 57 -18.90 -15.40 32.90
N GLU B 58 -18.10 -16.28 33.53
CA GLU B 58 -18.46 -17.09 34.70
C GLU B 58 -18.70 -16.25 35.94
N ASP B 59 -18.04 -15.08 36.04
CA ASP B 59 -18.16 -14.15 37.16
C ASP B 59 -19.37 -13.21 37.03
N GLY B 60 -20.18 -13.46 36.00
CA GLY B 60 -21.40 -12.72 35.73
C GLY B 60 -21.22 -11.43 34.96
N THR B 61 -19.98 -11.05 34.64
CA THR B 61 -19.71 -9.83 33.87
C THR B 61 -19.66 -10.16 32.39
N SER B 62 -19.88 -9.15 31.53
CA SER B 62 -19.80 -9.29 30.08
C SER B 62 -18.53 -8.61 29.60
N LEU B 63 -17.73 -9.33 28.78
CA LEU B 63 -16.49 -8.85 28.22
C LEU B 63 -16.65 -8.58 26.73
N LYS B 64 -16.02 -7.49 26.24
CA LYS B 64 -16.02 -7.18 24.81
C LYS B 64 -15.06 -8.13 24.11
N VAL B 65 -15.55 -8.82 23.08
CA VAL B 65 -14.77 -9.81 22.34
C VAL B 65 -14.68 -9.53 20.82
N ALA B 66 -13.67 -10.14 20.18
CA ALA B 66 -13.49 -10.16 18.74
C ALA B 66 -13.79 -11.60 18.35
N VAL B 67 -14.76 -11.81 17.43
CA VAL B 67 -15.19 -13.15 17.00
C VAL B 67 -14.69 -13.43 15.59
N LYS B 68 -13.84 -14.45 15.44
CA LYS B 68 -13.28 -14.87 14.16
C LYS B 68 -14.03 -16.11 13.68
N THR B 69 -14.92 -15.93 12.68
CA THR B 69 -15.69 -17.02 12.07
C THR B 69 -14.82 -17.66 11.00
N MET B 70 -14.88 -19.00 10.87
CA MET B 70 -14.06 -19.72 9.89
C MET B 70 -14.82 -20.74 9.05
N LYS B 71 -14.52 -20.78 7.74
CA LYS B 71 -15.12 -21.70 6.77
C LYS B 71 -14.24 -22.93 6.68
N GLU B 79 -11.67 -31.89 9.68
CA GLU B 79 -11.27 -30.50 9.86
C GLU B 79 -11.71 -29.91 11.21
N ILE B 80 -12.89 -30.31 11.70
CA ILE B 80 -13.49 -29.87 12.97
C ILE B 80 -12.69 -30.45 14.15
N GLU B 81 -12.28 -31.73 14.05
CA GLU B 81 -11.49 -32.40 15.08
C GLU B 81 -10.10 -31.75 15.22
N GLU B 82 -9.47 -31.40 14.08
CA GLU B 82 -8.16 -30.74 14.01
C GLU B 82 -8.25 -29.28 14.48
N PHE B 83 -9.42 -28.63 14.27
CA PHE B 83 -9.71 -27.26 14.69
C PHE B 83 -9.78 -27.21 16.21
N LEU B 84 -10.57 -28.13 16.80
CA LEU B 84 -10.76 -28.27 18.25
C LEU B 84 -9.50 -28.78 18.95
N SER B 85 -8.65 -29.56 18.24
CA SER B 85 -7.37 -30.05 18.75
C SER B 85 -6.47 -28.83 18.98
N GLU B 86 -6.40 -27.92 17.98
CA GLU B 86 -5.61 -26.68 18.05
C GLU B 86 -6.19 -25.75 19.10
N ALA B 87 -7.54 -25.65 19.16
CA ALA B 87 -8.27 -24.83 20.13
C ALA B 87 -7.99 -25.27 21.56
N ALA B 88 -8.06 -26.59 21.85
CA ALA B 88 -7.77 -27.17 23.16
C ALA B 88 -6.31 -26.92 23.57
N CYS B 89 -5.37 -27.00 22.59
CA CYS B 89 -3.95 -26.76 22.76
C CYS B 89 -3.70 -25.29 23.11
N MET B 90 -4.26 -24.36 22.30
CA MET B 90 -4.14 -22.91 22.46
C MET B 90 -4.80 -22.37 23.73
N LYS B 91 -5.87 -23.04 24.21
CA LYS B 91 -6.57 -22.63 25.43
C LYS B 91 -5.62 -22.65 26.65
N ASP B 92 -4.68 -23.62 26.65
CA ASP B 92 -3.67 -23.80 27.70
C ASP B 92 -2.47 -22.83 27.56
N PHE B 93 -2.35 -22.13 26.42
CA PHE B 93 -1.26 -21.16 26.19
C PHE B 93 -1.54 -19.88 26.96
N SER B 94 -0.57 -19.42 27.78
CA SER B 94 -0.70 -18.21 28.59
C SER B 94 0.60 -17.42 28.61
N HIS B 95 0.63 -16.30 27.89
CA HIS B 95 1.78 -15.40 27.80
C HIS B 95 1.28 -13.99 27.47
N PRO B 96 1.86 -12.94 28.11
CA PRO B 96 1.38 -11.56 27.85
C PRO B 96 1.52 -11.05 26.40
N ASN B 97 2.43 -11.65 25.61
CA ASN B 97 2.67 -11.24 24.24
C ASN B 97 2.08 -12.22 23.21
N VAL B 98 1.10 -13.05 23.65
CA VAL B 98 0.32 -13.98 22.81
C VAL B 98 -1.16 -13.71 23.15
N ILE B 99 -2.01 -13.48 22.13
CA ILE B 99 -3.45 -13.26 22.35
C ILE B 99 -4.06 -14.46 23.07
N ARG B 100 -4.86 -14.18 24.10
CA ARG B 100 -5.49 -15.22 24.92
C ARG B 100 -6.73 -15.74 24.18
N LEU B 101 -6.86 -17.06 24.06
CA LEU B 101 -8.05 -17.66 23.46
C LEU B 101 -9.05 -17.89 24.60
N LEU B 102 -10.21 -17.23 24.54
CA LEU B 102 -11.24 -17.34 25.57
C LEU B 102 -12.06 -18.63 25.42
N GLY B 103 -12.21 -19.09 24.19
CA GLY B 103 -12.95 -20.31 23.86
C GLY B 103 -13.46 -20.32 22.43
N VAL B 104 -14.23 -21.37 22.07
CA VAL B 104 -14.81 -21.52 20.73
C VAL B 104 -16.33 -21.80 20.78
N CYS B 105 -17.07 -21.24 19.81
CA CYS B 105 -18.53 -21.39 19.64
C CYS B 105 -18.80 -22.13 18.33
N ILE B 106 -19.91 -22.89 18.27
CA ILE B 106 -20.34 -23.61 17.07
C ILE B 106 -21.81 -23.25 16.80
N GLU B 107 -22.10 -22.66 15.63
CA GLU B 107 -23.46 -22.26 15.23
C GLU B 107 -24.10 -23.28 14.31
N LYS B 115 -20.59 -24.45 11.53
CA LYS B 115 -19.81 -23.22 11.39
C LYS B 115 -19.16 -22.81 12.74
N PRO B 116 -17.82 -22.93 12.86
CA PRO B 116 -17.18 -22.57 14.13
C PRO B 116 -16.80 -21.09 14.26
N MET B 117 -16.56 -20.63 15.50
CA MET B 117 -16.23 -19.24 15.87
C MET B 117 -15.15 -19.21 16.95
N VAL B 118 -14.09 -18.41 16.76
CA VAL B 118 -12.98 -18.24 17.71
C VAL B 118 -13.20 -16.96 18.52
N ILE B 119 -13.30 -17.08 19.85
CA ILE B 119 -13.55 -15.96 20.77
C ILE B 119 -12.24 -15.46 21.39
N LEU B 120 -11.89 -14.21 21.11
CA LEU B 120 -10.65 -13.56 21.58
C LEU B 120 -10.98 -12.23 22.27
N PRO B 121 -10.10 -11.61 23.11
CA PRO B 121 -10.47 -10.32 23.71
C PRO B 121 -10.46 -9.22 22.66
N PHE B 122 -11.35 -8.24 22.80
CA PHE B 122 -11.41 -7.10 21.89
C PHE B 122 -10.38 -6.06 22.33
N MET B 123 -9.60 -5.55 21.38
CA MET B 123 -8.61 -4.51 21.66
C MET B 123 -8.95 -3.22 20.91
N LYS B 124 -9.31 -2.17 21.65
CA LYS B 124 -9.68 -0.86 21.10
C LYS B 124 -8.57 -0.19 20.29
N TYR B 125 -7.28 -0.46 20.61
CA TYR B 125 -6.18 0.16 19.88
C TYR B 125 -5.90 -0.55 18.54
N GLY B 126 -6.56 -1.69 18.31
CA GLY B 126 -6.51 -2.43 17.06
C GLY B 126 -5.16 -3.04 16.72
N ASP B 127 -4.95 -3.32 15.44
CA ASP B 127 -3.73 -3.90 14.91
C ASP B 127 -2.61 -2.87 14.77
N LEU B 128 -1.37 -3.34 14.92
CA LEU B 128 -0.14 -2.55 14.86
C LEU B 128 0.12 -1.89 13.51
N HIS B 129 -0.23 -2.56 12.39
CA HIS B 129 -0.02 -1.99 11.06
C HIS B 129 -0.80 -0.69 10.90
N THR B 130 -2.11 -0.72 11.24
CA THR B 130 -2.99 0.46 11.17
C THR B 130 -2.49 1.57 12.10
N TYR B 131 -2.07 1.20 13.31
CA TYR B 131 -1.54 2.12 14.33
C TYR B 131 -0.34 2.89 13.81
N LEU B 132 0.64 2.17 13.21
CA LEU B 132 1.83 2.79 12.63
C LEU B 132 1.46 3.83 11.57
N LEU B 133 0.48 3.50 10.70
CA LEU B 133 0.01 4.42 9.66
C LEU B 133 -0.72 5.64 10.24
N TYR B 134 -1.57 5.47 11.28
CA TYR B 134 -2.27 6.59 11.94
C TYR B 134 -1.26 7.54 12.61
N SER B 135 -0.12 7.00 13.10
CA SER B 135 0.92 7.75 13.80
C SER B 135 1.59 8.80 12.91
N ARG B 136 1.52 8.59 11.59
CA ARG B 136 2.07 9.50 10.58
C ARG B 136 1.08 10.62 10.19
N LEU B 137 -0.12 10.62 10.79
CA LEU B 137 -1.16 11.63 10.54
C LEU B 137 -1.44 12.42 11.82
N GLU B 138 -1.81 13.72 11.68
CA GLU B 138 -2.05 14.65 12.79
C GLU B 138 -3.03 14.17 13.86
N THR B 139 -4.23 13.70 13.48
CA THR B 139 -5.26 13.27 14.45
C THR B 139 -4.97 11.93 15.14
N GLY B 140 -4.12 11.11 14.51
CA GLY B 140 -3.74 9.81 15.04
C GLY B 140 -2.76 9.91 16.21
N PRO B 141 -2.24 8.77 16.74
CA PRO B 141 -1.28 8.84 17.87
C PRO B 141 -0.05 9.68 17.53
N LYS B 142 0.64 10.24 18.53
CA LYS B 142 1.83 11.08 18.31
C LYS B 142 2.97 10.30 17.63
N HIS B 143 3.95 11.02 17.04
CA HIS B 143 5.12 10.42 16.39
C HIS B 143 5.72 9.35 17.33
N ILE B 144 5.79 8.10 16.85
CA ILE B 144 6.32 6.99 17.65
C ILE B 144 7.86 7.08 17.71
N PRO B 145 8.47 7.22 18.91
CA PRO B 145 9.94 7.27 18.98
C PRO B 145 10.57 5.90 18.76
N LEU B 146 11.86 5.86 18.39
CA LEU B 146 12.65 4.64 18.14
C LEU B 146 12.57 3.63 19.29
N GLN B 147 12.65 4.12 20.56
CA GLN B 147 12.58 3.32 21.79
C GLN B 147 11.27 2.51 21.83
N THR B 148 10.14 3.15 21.44
CA THR B 148 8.82 2.52 21.39
C THR B 148 8.71 1.51 20.24
N LEU B 149 9.27 1.84 19.05
CA LEU B 149 9.29 0.96 17.88
C LEU B 149 10.01 -0.36 18.18
N LEU B 150 11.14 -0.27 18.91
CA LEU B 150 11.94 -1.41 19.32
C LEU B 150 11.25 -2.26 20.38
N LYS B 151 10.47 -1.61 21.28
CA LYS B 151 9.72 -2.34 22.33
C LYS B 151 8.61 -3.17 21.67
N PHE B 152 8.01 -2.64 20.56
CA PHE B 152 6.98 -3.34 19.77
C PHE B 152 7.58 -4.66 19.25
N MET B 153 8.82 -4.59 18.73
CA MET B 153 9.59 -5.71 18.21
C MET B 153 9.93 -6.74 19.28
N VAL B 154 10.40 -6.29 20.48
CA VAL B 154 10.75 -7.15 21.62
C VAL B 154 9.49 -7.92 22.01
N ASP B 155 8.33 -7.22 22.11
CA ASP B 155 7.03 -7.80 22.47
C ASP B 155 6.65 -8.96 21.55
N ILE B 156 6.77 -8.76 20.23
CA ILE B 156 6.48 -9.77 19.21
C ILE B 156 7.45 -10.95 19.35
N ALA B 157 8.77 -10.65 19.52
CA ALA B 157 9.82 -11.66 19.68
C ALA B 157 9.55 -12.53 20.90
N LEU B 158 9.14 -11.91 22.02
CA LEU B 158 8.75 -12.58 23.26
C LEU B 158 7.56 -13.51 23.02
N GLY B 159 6.54 -13.03 22.30
CA GLY B 159 5.37 -13.80 21.92
C GLY B 159 5.73 -15.00 21.04
N MET B 160 6.58 -14.76 20.04
CA MET B 160 7.03 -15.78 19.10
C MET B 160 7.96 -16.80 19.74
N GLU B 161 8.82 -16.36 20.70
CA GLU B 161 9.71 -17.22 21.45
C GLU B 161 8.88 -18.21 22.27
N TYR B 162 7.75 -17.74 22.88
CA TYR B 162 6.83 -18.61 23.64
C TYR B 162 6.23 -19.70 22.75
N LEU B 163 5.70 -19.33 21.56
CA LEU B 163 5.10 -20.27 20.59
C LEU B 163 6.15 -21.23 20.00
N SER B 164 7.33 -20.72 19.62
CA SER B 164 8.42 -21.52 19.04
C SER B 164 8.94 -22.59 20.02
N ASN B 165 8.93 -22.29 21.33
CA ASN B 165 9.33 -23.19 22.39
C ASN B 165 8.36 -24.36 22.56
N ARG B 166 7.06 -24.15 22.24
CA ARG B 166 6.00 -25.16 22.30
C ARG B 166 5.77 -25.79 20.92
N ASN B 167 6.71 -25.54 19.97
CA ASN B 167 6.71 -26.03 18.60
C ASN B 167 5.44 -25.63 17.80
N PHE B 168 4.87 -24.46 18.13
CA PHE B 168 3.67 -23.93 17.48
C PHE B 168 4.07 -22.96 16.38
N LEU B 169 3.67 -23.27 15.13
CA LEU B 169 3.96 -22.41 13.98
C LEU B 169 2.84 -21.39 13.79
N HIS B 170 3.21 -20.10 13.62
CA HIS B 170 2.23 -19.01 13.41
C HIS B 170 1.66 -19.12 11.98
N ARG B 171 2.54 -19.13 10.95
CA ARG B 171 2.22 -19.25 9.50
C ARG B 171 1.66 -17.97 8.85
N ASP B 172 1.38 -16.91 9.65
CA ASP B 172 0.84 -15.66 9.13
C ASP B 172 1.34 -14.42 9.91
N LEU B 173 2.64 -14.40 10.25
CA LEU B 173 3.19 -13.26 10.98
C LEU B 173 3.39 -12.04 10.06
N ALA B 174 2.79 -10.91 10.49
CA ALA B 174 2.78 -9.63 9.81
C ALA B 174 2.30 -8.59 10.81
N ALA B 175 2.59 -7.29 10.57
CA ALA B 175 2.16 -6.19 11.45
C ALA B 175 0.64 -6.15 11.63
N ARG B 176 -0.14 -6.54 10.58
CA ARG B 176 -1.61 -6.59 10.62
C ARG B 176 -2.15 -7.62 11.63
N ASN B 177 -1.36 -8.67 11.92
CA ASN B 177 -1.73 -9.74 12.87
C ASN B 177 -1.16 -9.52 14.29
N CYS B 178 -0.50 -8.39 14.52
CA CYS B 178 0.02 -8.01 15.84
C CYS B 178 -0.96 -7.01 16.42
N MET B 179 -1.46 -7.29 17.63
CA MET B 179 -2.49 -6.49 18.29
C MET B 179 -2.00 -5.67 19.47
N LEU B 180 -2.51 -4.46 19.62
CA LEU B 180 -2.16 -3.58 20.74
C LEU B 180 -3.15 -3.68 21.91
N ARG B 181 -2.65 -4.14 23.06
CA ARG B 181 -3.43 -4.26 24.28
C ARG B 181 -3.66 -2.85 24.86
N ASP B 182 -4.59 -2.71 25.82
CA ASP B 182 -4.94 -1.42 26.44
C ASP B 182 -3.76 -0.71 27.14
N ASP B 183 -2.74 -1.47 27.61
CA ASP B 183 -1.56 -0.89 28.25
C ASP B 183 -0.43 -0.59 27.22
N MET B 184 -0.74 -0.76 25.92
CA MET B 184 0.10 -0.51 24.72
C MET B 184 1.20 -1.60 24.51
N THR B 185 0.95 -2.79 25.08
CA THR B 185 1.76 -4.00 24.92
C THR B 185 1.30 -4.67 23.62
N VAL B 186 2.24 -5.24 22.86
CA VAL B 186 1.91 -5.92 21.61
C VAL B 186 1.78 -7.41 21.87
N CYS B 187 0.77 -8.03 21.25
CA CYS B 187 0.60 -9.47 21.32
C CYS B 187 0.34 -10.05 19.93
N VAL B 188 0.87 -11.26 19.70
CA VAL B 188 0.69 -11.96 18.43
C VAL B 188 -0.71 -12.57 18.37
N ALA B 189 -1.29 -12.58 17.17
CA ALA B 189 -2.62 -13.11 16.90
C ALA B 189 -2.71 -13.58 15.46
N ASP B 190 -3.83 -14.20 15.09
CA ASP B 190 -4.07 -14.60 13.70
C ASP B 190 -5.49 -14.21 13.31
N PHE B 191 -5.63 -13.01 12.71
CA PHE B 191 -6.91 -12.51 12.23
C PHE B 191 -7.04 -12.70 10.72
N GLY B 192 -6.09 -13.41 10.11
CA GLY B 192 -6.09 -13.68 8.68
C GLY B 192 -7.32 -14.45 8.23
N LEU B 193 -7.99 -13.97 7.16
CA LEU B 193 -9.21 -14.58 6.63
C LEU B 193 -9.08 -14.98 5.17
N PRO B 212 -0.12 -13.47 1.23
CA PRO B 212 0.96 -12.84 1.99
C PRO B 212 2.35 -13.19 1.43
N VAL B 213 2.45 -13.27 0.09
CA VAL B 213 3.66 -13.63 -0.66
C VAL B 213 4.91 -12.84 -0.20
N LYS B 214 4.76 -11.53 0.10
CA LYS B 214 5.86 -10.67 0.51
C LYS B 214 6.38 -10.93 1.95
N TRP B 215 5.74 -11.87 2.70
CA TRP B 215 6.14 -12.29 4.04
C TRP B 215 6.65 -13.74 4.05
N ILE B 216 6.42 -14.48 2.95
CA ILE B 216 6.76 -15.90 2.84
C ILE B 216 8.27 -16.15 2.55
N ALA B 217 8.91 -16.98 3.41
CA ALA B 217 10.32 -17.40 3.32
C ALA B 217 10.60 -18.03 1.96
N ILE B 218 11.82 -17.78 1.41
CA ILE B 218 12.27 -18.28 0.10
C ILE B 218 12.02 -19.81 -0.07
N GLU B 219 12.33 -20.64 0.96
CA GLU B 219 12.14 -22.09 0.89
C GLU B 219 10.65 -22.49 0.83
N SER B 220 9.76 -21.64 1.39
CA SER B 220 8.32 -21.86 1.41
C SER B 220 7.68 -21.50 0.07
N LEU B 221 8.35 -20.65 -0.74
CA LEU B 221 7.89 -20.28 -2.07
C LEU B 221 8.31 -21.35 -3.09
N ALA B 222 9.42 -22.05 -2.81
CA ALA B 222 9.95 -23.12 -3.66
C ALA B 222 9.27 -24.46 -3.39
N ASP B 223 8.99 -24.78 -2.10
CA ASP B 223 8.38 -26.04 -1.68
C ASP B 223 7.23 -25.81 -0.70
N ARG B 224 6.53 -26.89 -0.30
CA ARG B 224 5.42 -26.82 0.66
C ARG B 224 5.92 -26.53 2.09
N VAL B 225 7.24 -26.75 2.32
CA VAL B 225 8.03 -26.57 3.54
C VAL B 225 7.71 -25.27 4.31
N TYR B 226 7.45 -25.40 5.63
CA TYR B 226 7.21 -24.29 6.55
C TYR B 226 7.59 -24.72 7.97
N THR B 227 8.64 -24.10 8.53
CA THR B 227 9.14 -24.39 9.88
C THR B 227 9.18 -23.11 10.72
N SER B 228 9.80 -23.19 11.92
CA SER B 228 9.95 -22.06 12.83
C SER B 228 10.83 -20.96 12.21
N LYS B 229 11.81 -21.38 11.38
CA LYS B 229 12.73 -20.50 10.67
C LYS B 229 12.03 -19.70 9.57
N SER B 230 10.87 -20.21 9.08
CA SER B 230 10.02 -19.49 8.12
C SER B 230 9.26 -18.40 8.89
N ASP B 231 8.86 -18.66 10.18
CA ASP B 231 8.21 -17.65 11.03
C ASP B 231 9.22 -16.53 11.33
N VAL B 232 10.51 -16.91 11.50
CA VAL B 232 11.64 -16.00 11.73
C VAL B 232 11.79 -15.05 10.53
N TRP B 233 11.66 -15.56 9.27
CA TRP B 233 11.73 -14.73 8.06
C TRP B 233 10.62 -13.69 8.11
N ALA B 234 9.36 -14.14 8.35
CA ALA B 234 8.18 -13.27 8.49
C ALA B 234 8.36 -12.23 9.57
N PHE B 235 9.09 -12.58 10.67
CA PHE B 235 9.39 -11.66 11.76
C PHE B 235 10.31 -10.52 11.28
N GLY B 236 11.33 -10.88 10.50
CA GLY B 236 12.24 -9.91 9.90
C GLY B 236 11.48 -8.91 9.05
N VAL B 237 10.49 -9.40 8.27
CA VAL B 237 9.63 -8.58 7.43
C VAL B 237 8.72 -7.70 8.34
N THR B 238 8.19 -8.29 9.44
CA THR B 238 7.35 -7.58 10.42
C THR B 238 8.15 -6.41 11.05
N MET B 239 9.45 -6.62 11.37
CA MET B 239 10.38 -5.62 11.92
C MET B 239 10.57 -4.45 10.95
N TRP B 240 10.70 -4.75 9.64
CA TRP B 240 10.89 -3.79 8.56
C TRP B 240 9.62 -2.92 8.46
N GLU B 241 8.43 -3.55 8.51
CA GLU B 241 7.12 -2.87 8.51
C GLU B 241 7.06 -1.86 9.66
N ILE B 242 7.57 -2.24 10.86
CA ILE B 242 7.59 -1.37 12.05
C ILE B 242 8.59 -0.21 11.86
N ALA B 243 9.83 -0.53 11.47
CA ALA B 243 10.89 0.45 11.22
C ALA B 243 10.51 1.49 10.17
N THR B 244 9.71 1.11 9.14
CA THR B 244 9.27 2.02 8.06
C THR B 244 7.96 2.72 8.40
N ARG B 245 7.35 2.36 9.54
CA ARG B 245 6.07 2.90 10.00
C ARG B 245 4.92 2.57 9.02
N GLY B 246 4.87 1.31 8.58
CA GLY B 246 3.77 0.81 7.76
C GLY B 246 3.88 0.70 6.26
N MET B 247 5.10 0.77 5.71
CA MET B 247 5.29 0.63 4.27
C MET B 247 5.02 -0.80 3.87
N THR B 248 4.47 -0.98 2.65
CA THR B 248 4.26 -2.31 2.07
C THR B 248 5.66 -2.85 1.69
N PRO B 249 6.02 -4.11 2.05
CA PRO B 249 7.36 -4.61 1.69
C PRO B 249 7.67 -4.60 0.20
N TYR B 250 8.93 -4.37 -0.13
CA TYR B 250 9.49 -4.38 -1.49
C TYR B 250 8.81 -3.37 -2.45
N PRO B 251 8.93 -2.04 -2.20
CA PRO B 251 8.34 -1.08 -3.17
C PRO B 251 9.03 -1.26 -4.52
N GLY B 252 8.26 -1.17 -5.60
CA GLY B 252 8.75 -1.37 -6.97
C GLY B 252 8.84 -2.83 -7.39
N VAL B 253 8.52 -3.79 -6.49
CA VAL B 253 8.55 -5.22 -6.80
C VAL B 253 7.12 -5.77 -6.79
N GLN B 254 6.74 -6.50 -7.85
CA GLN B 254 5.42 -7.12 -7.94
C GLN B 254 5.39 -8.46 -7.21
N ASN B 255 4.18 -8.90 -6.78
CA ASN B 255 4.00 -10.16 -6.06
C ASN B 255 4.49 -11.38 -6.85
N HIS B 256 4.28 -11.37 -8.17
CA HIS B 256 4.69 -12.46 -9.06
C HIS B 256 6.20 -12.51 -9.31
N GLU B 257 6.94 -11.41 -9.06
CA GLU B 257 8.41 -11.31 -9.27
C GLU B 257 9.20 -11.74 -8.02
N MET B 258 8.52 -11.79 -6.86
CA MET B 258 9.10 -12.06 -5.55
C MET B 258 10.07 -13.26 -5.47
N TYR B 259 9.68 -14.46 -5.96
CA TYR B 259 10.57 -15.63 -5.89
C TYR B 259 11.89 -15.42 -6.63
N ASP B 260 11.83 -14.90 -7.88
CA ASP B 260 13.00 -14.62 -8.71
C ASP B 260 13.88 -13.54 -8.07
N TYR B 261 13.24 -12.48 -7.51
CA TYR B 261 13.88 -11.37 -6.82
C TYR B 261 14.71 -11.86 -5.62
N LEU B 262 14.15 -12.77 -4.79
CA LEU B 262 14.84 -13.33 -3.62
C LEU B 262 15.96 -14.30 -4.04
N LEU B 263 15.71 -15.08 -5.11
CA LEU B 263 16.64 -16.06 -5.67
C LEU B 263 17.95 -15.40 -6.17
N HIS B 264 17.86 -14.13 -6.62
CA HIS B 264 19.00 -13.34 -7.07
C HIS B 264 19.75 -12.64 -5.92
N GLY B 265 19.43 -13.03 -4.69
CA GLY B 265 20.05 -12.51 -3.47
C GLY B 265 19.54 -11.20 -2.94
N HIS B 266 18.56 -10.57 -3.63
CA HIS B 266 18.01 -9.29 -3.17
C HIS B 266 17.10 -9.46 -1.95
N ARG B 267 17.15 -8.50 -1.02
CA ARG B 267 16.37 -8.47 0.22
C ARG B 267 15.84 -7.06 0.47
N LEU B 268 14.89 -6.90 1.42
CA LEU B 268 14.33 -5.60 1.83
C LEU B 268 15.48 -4.64 2.17
N LYS B 269 15.43 -3.43 1.61
CA LYS B 269 16.47 -2.42 1.78
C LYS B 269 16.42 -1.80 3.17
N GLN B 270 17.55 -1.25 3.65
CA GLN B 270 17.59 -0.63 4.98
C GLN B 270 16.76 0.65 5.01
N PRO B 271 15.79 0.80 5.97
CA PRO B 271 15.03 2.07 6.05
C PRO B 271 15.93 3.25 6.40
N GLU B 272 15.51 4.48 6.00
CA GLU B 272 16.26 5.74 6.18
C GLU B 272 16.64 6.06 7.64
N ASP B 273 15.68 5.97 8.57
CA ASP B 273 15.89 6.27 9.99
C ASP B 273 16.21 4.99 10.79
N CYS B 274 16.84 4.00 10.13
CA CYS B 274 17.13 2.74 10.78
C CYS B 274 18.59 2.56 11.12
N LEU B 275 18.86 2.23 12.41
CA LEU B 275 20.19 1.96 12.95
C LEU B 275 20.78 0.75 12.24
N ASP B 276 22.09 0.78 11.95
CA ASP B 276 22.79 -0.34 11.30
C ASP B 276 22.64 -1.64 12.12
N GLU B 277 22.74 -1.55 13.46
CA GLU B 277 22.60 -2.71 14.37
C GLU B 277 21.20 -3.36 14.25
N LEU B 278 20.14 -2.54 14.07
CA LEU B 278 18.77 -3.00 13.87
C LEU B 278 18.61 -3.69 12.52
N TYR B 279 19.12 -3.07 11.43
CA TYR B 279 19.05 -3.67 10.09
C TYR B 279 19.80 -5.01 10.04
N GLU B 280 20.91 -5.12 10.81
CA GLU B 280 21.72 -6.33 10.94
C GLU B 280 20.89 -7.47 11.54
N ILE B 281 20.03 -7.14 12.53
CA ILE B 281 19.12 -8.09 13.18
C ILE B 281 18.03 -8.57 12.18
N MET B 282 17.36 -7.63 11.47
CA MET B 282 16.31 -8.03 10.53
C MET B 282 16.87 -8.79 9.30
N TYR B 283 18.04 -8.40 8.79
CA TYR B 283 18.71 -9.09 7.67
C TYR B 283 19.02 -10.56 7.99
N SER B 284 19.45 -10.85 9.24
CA SER B 284 19.79 -12.22 9.68
C SER B 284 18.58 -13.19 9.60
N CYS B 285 17.34 -12.63 9.57
CA CYS B 285 16.07 -13.34 9.44
C CYS B 285 15.87 -13.83 8.01
N TRP B 286 16.61 -13.23 7.03
CA TRP B 286 16.39 -13.52 5.62
C TRP B 286 17.52 -14.28 4.93
N ARG B 287 18.37 -14.95 5.73
CA ARG B 287 19.46 -15.77 5.23
C ARG B 287 18.85 -16.92 4.42
N THR B 288 19.44 -17.22 3.25
CA THR B 288 18.95 -18.22 2.29
C THR B 288 18.67 -19.57 2.94
N ASP B 289 19.66 -20.11 3.68
CA ASP B 289 19.53 -21.37 4.39
C ASP B 289 18.77 -21.10 5.70
N PRO B 290 17.60 -21.76 5.92
CA PRO B 290 16.84 -21.53 7.17
C PRO B 290 17.63 -21.81 8.44
N LEU B 291 18.57 -22.77 8.41
CA LEU B 291 19.41 -23.14 9.55
C LEU B 291 20.30 -22.00 10.07
N ASP B 292 20.72 -21.09 9.17
CA ASP B 292 21.56 -19.92 9.45
C ASP B 292 20.81 -18.76 10.12
N ARG B 293 19.47 -18.79 10.09
CA ARG B 293 18.62 -17.77 10.71
C ARG B 293 18.65 -17.95 12.24
N PRO B 294 18.67 -16.84 13.02
CA PRO B 294 18.65 -17.00 14.49
C PRO B 294 17.31 -17.49 15.01
N THR B 295 17.31 -18.07 16.22
CA THR B 295 16.06 -18.50 16.84
C THR B 295 15.35 -17.22 17.36
N PHE B 296 14.07 -17.33 17.67
CA PHE B 296 13.34 -16.21 18.25
C PHE B 296 13.94 -15.80 19.62
N SER B 297 14.50 -16.79 20.37
CA SER B 297 15.17 -16.59 21.66
C SER B 297 16.40 -15.68 21.52
N VAL B 298 17.21 -15.90 20.47
CA VAL B 298 18.42 -15.12 20.15
C VAL B 298 18.01 -13.71 19.73
N LEU B 299 17.04 -13.61 18.80
CA LEU B 299 16.49 -12.34 18.29
C LEU B 299 15.95 -11.44 19.39
N ARG B 300 15.25 -12.04 20.37
CA ARG B 300 14.62 -11.31 21.48
C ARG B 300 15.69 -10.64 22.36
N LEU B 301 16.77 -11.37 22.66
CA LEU B 301 17.87 -10.86 23.47
C LEU B 301 18.66 -9.76 22.72
N GLN B 302 18.91 -9.94 21.40
CA GLN B 302 19.59 -8.93 20.56
C GLN B 302 18.80 -7.62 20.57
N LEU B 303 17.47 -7.68 20.43
CA LEU B 303 16.61 -6.49 20.43
C LEU B 303 16.58 -5.78 21.81
N GLU B 304 16.46 -6.55 22.90
CA GLU B 304 16.49 -6.06 24.30
C GLU B 304 17.82 -5.32 24.59
N LYS B 305 18.96 -5.92 24.19
CA LYS B 305 20.30 -5.37 24.36
C LYS B 305 20.48 -4.07 23.58
N LEU B 306 19.94 -3.99 22.34
CA LEU B 306 19.97 -2.79 21.52
C LEU B 306 19.09 -1.70 22.16
N LEU B 307 17.92 -2.07 22.71
CA LEU B 307 17.00 -1.16 23.40
C LEU B 307 17.66 -0.55 24.66
N GLU B 308 18.39 -1.38 25.42
CA GLU B 308 19.11 -0.94 26.63
C GLU B 308 20.28 0.00 26.31
N SER B 309 20.91 -0.18 25.13
CA SER B 309 22.06 0.63 24.68
C SER B 309 21.68 2.07 24.30
N LEU B 310 20.41 2.33 23.95
CA LEU B 310 19.96 3.68 23.54
C LEU B 310 19.95 4.67 24.71
N PRO B 311 20.49 5.90 24.53
CA PRO B 311 20.48 6.88 25.63
C PRO B 311 19.13 7.60 25.75
#